data_4UU4
#
_entry.id   4UU4
#
_cell.length_a   45.000
_cell.length_b   45.000
_cell.length_c   146.660
_cell.angle_alpha   90.00
_cell.angle_beta   90.00
_cell.angle_gamma   90.00
#
_symmetry.space_group_name_H-M   'P 43 21 2'
#
loop_
_entity.id
_entity.type
_entity.pdbx_description
1 polymer 'PERIPLASMIC LIPOPOLYSACCHARIDE TRANSPORT PROTEIN LPTH'
2 water water
#
_entity_poly.entity_id   1
_entity_poly.type   'polypeptide(L)'
_entity_poly.pdbx_seq_one_letter_code
;MRFVNTLPLIFGLTAALGSSMALALPSDREQPIRVQADSAELDDKQGVAVYRGDVVVTQGSTKLTGNTVTLKQDKNGDIE
VVTSVGKPAYYEQKPAPDKDVTKAYGLTIQYFVTQNRVVLIDQAKVIQEGNTFEGEKIVYDTQRQIVNAGRATGSQVTSP
RPRIDMVIQPKKKAQ
;
_entity_poly.pdbx_strand_id   A
#
# COMPACT_ATOMS: atom_id res chain seq x y z
N PRO A 26 -12.12 -6.81 -6.69
CA PRO A 26 -13.45 -7.37 -6.46
C PRO A 26 -13.59 -7.97 -5.06
N SER A 27 -13.14 -9.20 -4.89
CA SER A 27 -13.36 -9.91 -3.64
C SER A 27 -12.24 -9.73 -2.62
N ASP A 28 -11.42 -8.67 -2.79
CA ASP A 28 -10.28 -8.43 -1.90
C ASP A 28 -10.52 -7.76 -0.56
N ARG A 29 -11.76 -7.76 -0.12
CA ARG A 29 -12.25 -6.88 0.96
C ARG A 29 -13.27 -7.62 1.84
N GLU A 30 -14.04 -8.50 1.21
CA GLU A 30 -14.98 -9.38 1.93
C GLU A 30 -14.25 -10.58 2.54
N GLN A 31 -13.04 -10.85 2.07
CA GLN A 31 -12.18 -11.89 2.65
C GLN A 31 -11.58 -11.38 3.95
N PRO A 32 -11.20 -12.31 4.85
CA PRO A 32 -10.56 -11.91 6.12
C PRO A 32 -9.13 -11.40 5.92
N ILE A 33 -8.68 -10.59 6.87
CA ILE A 33 -7.31 -10.07 6.85
C ILE A 33 -6.43 -10.89 7.79
N ARG A 34 -5.41 -11.56 7.25
CA ARG A 34 -4.47 -12.28 8.11
C ARG A 34 -3.16 -11.51 8.24
N VAL A 35 -2.62 -11.45 9.46
CA VAL A 35 -1.35 -10.76 9.68
C VAL A 35 -0.34 -11.70 10.33
N GLN A 36 0.89 -11.63 9.85
CA GLN A 36 1.97 -12.45 10.37
C GLN A 36 3.11 -11.52 10.75
N ALA A 37 3.52 -11.55 12.02
CA ALA A 37 4.64 -10.72 12.47
C ALA A 37 5.45 -11.38 13.57
N ASP A 38 6.44 -10.64 14.06
CA ASP A 38 7.22 -11.06 15.22
C ASP A 38 6.50 -10.64 16.50
N SER A 39 5.86 -9.49 16.47
CA SER A 39 5.15 -8.99 17.65
C SER A 39 3.94 -8.15 17.26
N ALA A 40 3.00 -8.01 18.20
CA ALA A 40 1.80 -7.22 17.97
C ALA A 40 1.31 -6.61 19.27
N GLU A 41 0.69 -5.45 19.17
CA GLU A 41 0.01 -4.85 20.31
C GLU A 41 -1.34 -4.30 19.89
N LEU A 42 -2.40 -4.75 20.54
CA LEU A 42 -3.74 -4.32 20.16
C LEU A 42 -4.43 -3.46 21.21
N ASP A 43 -4.76 -2.23 20.82
CA ASP A 43 -5.51 -1.34 21.69
C ASP A 43 -6.96 -1.32 21.25
N ASP A 44 -7.75 -2.27 21.75
CA ASP A 44 -9.14 -2.40 21.33
C ASP A 44 -10.00 -1.25 21.81
N LYS A 45 -9.49 -0.46 22.75
CA LYS A 45 -10.18 0.74 23.20
C LYS A 45 -10.03 1.86 22.17
N GLN A 46 -8.80 2.09 21.73
CA GLN A 46 -8.53 3.06 20.68
C GLN A 46 -9.02 2.52 19.33
N GLY A 47 -8.81 1.24 19.10
CA GLY A 47 -9.13 0.63 17.82
C GLY A 47 -7.91 0.63 16.92
N VAL A 48 -6.74 0.54 17.55
CA VAL A 48 -5.48 0.61 16.82
C VAL A 48 -4.60 -0.59 17.15
N ALA A 49 -3.99 -1.18 16.14
CA ALA A 49 -3.09 -2.31 16.35
C ALA A 49 -1.75 -2.09 15.66
N VAL A 50 -0.65 -2.34 16.37
CA VAL A 50 0.65 -2.23 15.69
C VAL A 50 1.46 -3.54 15.71
N TYR A 51 1.89 -3.93 14.52
CA TYR A 51 2.63 -5.17 14.29
C TYR A 51 4.07 -4.87 13.85
N ARG A 52 5.02 -5.60 14.41
CA ARG A 52 6.44 -5.38 14.11
C ARG A 52 7.17 -6.67 13.78
N GLY A 53 8.17 -6.57 12.92
CA GLY A 53 9.06 -7.68 12.59
C GLY A 53 8.63 -8.50 11.39
N ASP A 54 9.13 -8.12 10.20
CA ASP A 54 8.79 -8.80 8.95
C ASP A 54 7.29 -8.95 8.78
N VAL A 55 6.56 -7.87 9.00
CA VAL A 55 5.10 -7.90 8.96
C VAL A 55 4.57 -8.18 7.56
N VAL A 56 3.67 -9.17 7.49
CA VAL A 56 2.96 -9.53 6.27
C VAL A 56 1.46 -9.54 6.53
N VAL A 57 0.73 -8.60 5.94
CA VAL A 57 -0.73 -8.62 6.00
C VAL A 57 -1.32 -8.98 4.63
N THR A 58 -2.15 -10.01 4.59
CA THR A 58 -2.82 -10.40 3.35
C THR A 58 -4.33 -10.35 3.47
N GLN A 59 -4.98 -9.84 2.42
CA GLN A 59 -6.43 -9.86 2.31
C GLN A 59 -6.83 -10.38 0.93
N GLY A 60 -6.88 -11.70 0.80
CA GLY A 60 -7.21 -12.33 -0.47
C GLY A 60 -6.06 -12.33 -1.44
N SER A 61 -6.08 -11.38 -2.38
CA SER A 61 -5.01 -11.24 -3.35
C SER A 61 -4.12 -10.05 -2.98
N THR A 62 -4.66 -9.17 -2.15
CA THR A 62 -3.91 -8.02 -1.68
C THR A 62 -2.84 -8.45 -0.69
N LYS A 63 -1.69 -7.79 -0.72
CA LYS A 63 -0.63 -8.07 0.24
C LYS A 63 0.16 -6.81 0.60
N LEU A 64 0.41 -6.62 1.88
CA LEU A 64 1.19 -5.50 2.38
C LEU A 64 2.32 -6.10 3.19
N THR A 65 3.54 -5.61 3.00
CA THR A 65 4.65 -6.02 3.84
C THR A 65 5.31 -4.80 4.46
N GLY A 66 6.14 -5.02 5.47
CA GLY A 66 6.84 -3.90 6.08
C GLY A 66 7.58 -4.26 7.35
N ASN A 67 8.32 -3.29 7.88
CA ASN A 67 8.98 -3.44 9.16
C ASN A 67 7.97 -3.16 10.26
N THR A 68 7.14 -2.15 10.03
CA THR A 68 6.13 -1.79 11.02
C THR A 68 4.80 -1.45 10.37
N VAL A 69 3.74 -2.13 10.82
CA VAL A 69 2.42 -1.92 10.26
C VAL A 69 1.40 -1.53 11.33
N THR A 70 0.63 -0.49 11.07
CA THR A 70 -0.43 -0.08 11.98
C THR A 70 -1.79 -0.19 11.31
N LEU A 71 -2.74 -0.85 11.98
CA LEU A 71 -4.12 -0.88 11.53
C LEU A 71 -4.95 0.07 12.38
N LYS A 72 -5.68 0.95 11.72
CA LYS A 72 -6.61 1.81 12.44
C LYS A 72 -8.02 1.33 12.13
N GLN A 73 -8.85 1.24 13.16
CA GLN A 73 -10.20 0.71 13.04
C GLN A 73 -11.23 1.83 12.99
N ASP A 74 -12.30 1.63 12.22
CA ASP A 74 -13.38 2.62 12.15
C ASP A 74 -14.66 2.05 12.73
N LYS A 75 -15.75 2.80 12.61
CA LYS A 75 -17.06 2.25 12.93
C LYS A 75 -17.38 1.20 11.87
N ASN A 76 -17.29 -0.08 12.28
CA ASN A 76 -17.50 -1.31 11.47
C ASN A 76 -16.41 -1.97 10.62
N GLY A 77 -15.23 -1.36 10.57
CA GLY A 77 -14.03 -2.03 10.08
C GLY A 77 -12.74 -1.25 10.29
N GLU A 80 -9.95 0.99 8.85
CA GLU A 80 -10.21 1.94 7.78
C GLU A 80 -8.92 2.32 7.05
N VAL A 81 -7.78 1.98 7.64
CA VAL A 81 -6.49 2.23 7.01
C VAL A 81 -5.39 1.34 7.57
N VAL A 82 -4.59 0.79 6.67
CA VAL A 82 -3.44 -0.03 7.03
C VAL A 82 -2.17 0.67 6.58
N THR A 83 -1.41 1.24 7.52
CA THR A 83 -0.19 1.95 7.17
C THR A 83 1.04 1.07 7.39
N SER A 84 1.81 0.85 6.33
CA SER A 84 3.05 0.09 6.41
C SER A 84 4.29 0.95 6.18
N VAL A 85 5.36 0.62 6.89
CA VAL A 85 6.65 1.30 6.77
C VAL A 85 7.77 0.27 6.70
N GLY A 86 8.61 0.40 5.68
CA GLY A 86 9.75 -0.48 5.46
C GLY A 86 10.84 0.19 4.63
N LYS A 87 11.76 -0.62 4.08
CA LYS A 87 12.81 -0.11 3.19
C LYS A 87 12.94 -0.90 1.90
N PRO A 88 11.95 -0.78 0.98
CA PRO A 88 10.70 -0.06 1.19
C PRO A 88 9.58 -1.00 1.63
N ALA A 89 8.44 -0.41 1.93
CA ALA A 89 7.21 -1.16 2.13
C ALA A 89 6.68 -1.57 0.76
N TYR A 90 5.97 -2.70 0.75
CA TYR A 90 5.56 -3.36 -0.48
C TYR A 90 4.06 -3.67 -0.51
N TYR A 91 3.43 -3.37 -1.63
CA TYR A 91 2.02 -3.69 -1.86
C TYR A 91 1.92 -4.57 -3.11
N GLU A 92 1.11 -5.61 -3.06
CA GLU A 92 0.92 -6.48 -4.20
C GLU A 92 -0.56 -6.73 -4.42
N GLN A 93 -1.04 -6.65 -5.66
CA GLN A 93 -2.45 -7.00 -5.88
C GLN A 93 -2.80 -7.45 -7.29
N LYS A 94 -3.89 -8.20 -7.40
CA LYS A 94 -4.34 -8.78 -8.66
C LYS A 94 -5.73 -8.27 -9.00
N PRO A 95 -5.84 -7.36 -9.97
CA PRO A 95 -7.12 -6.80 -10.46
C PRO A 95 -8.06 -7.64 -11.32
N ALA A 96 -7.52 -8.29 -12.33
CA ALA A 96 -8.23 -9.32 -13.10
C ALA A 96 -7.68 -10.70 -12.75
N PRO A 97 -8.50 -11.74 -12.97
CA PRO A 97 -8.09 -13.11 -12.68
C PRO A 97 -6.93 -13.56 -13.57
N ASP A 98 -6.65 -12.78 -14.61
CA ASP A 98 -5.57 -13.10 -15.54
C ASP A 98 -4.23 -12.84 -14.87
N LYS A 99 -3.17 -12.83 -15.68
CA LYS A 99 -1.81 -12.68 -15.17
C LYS A 99 -1.37 -11.22 -15.20
N ASP A 100 -2.11 -10.37 -14.49
CA ASP A 100 -1.79 -8.95 -14.42
C ASP A 100 -1.57 -8.49 -12.99
N VAL A 101 -0.54 -9.04 -12.36
CA VAL A 101 -0.21 -8.71 -10.97
C VAL A 101 0.53 -7.38 -10.88
N THR A 102 -0.02 -6.45 -10.09
CA THR A 102 0.57 -5.13 -9.93
C THR A 102 1.37 -5.01 -8.64
N LYS A 103 2.62 -4.56 -8.80
CA LYS A 103 3.52 -4.36 -7.68
C LYS A 103 3.55 -2.88 -7.33
N ALA A 104 3.79 -2.59 -6.06
CA ALA A 104 3.85 -1.22 -5.58
C ALA A 104 4.88 -1.10 -4.47
N TYR A 105 5.65 -0.03 -4.51
CA TYR A 105 6.72 0.16 -3.55
C TYR A 105 6.66 1.57 -3.01
N GLY A 106 7.02 1.72 -1.74
CA GLY A 106 7.11 3.06 -1.17
C GLY A 106 7.66 3.03 0.23
N LEU A 107 8.38 4.09 0.61
CA LEU A 107 8.85 4.20 1.98
C LEU A 107 7.69 4.16 2.97
N THR A 108 6.61 4.88 2.67
CA THR A 108 5.38 4.72 3.45
C THR A 108 4.22 4.32 2.53
N ILE A 109 3.45 3.31 2.92
CA ILE A 109 2.27 2.94 2.15
C ILE A 109 1.03 2.95 3.01
N GLN A 110 -0.02 3.63 2.58
CA GLN A 110 -1.29 3.58 3.31
C GLN A 110 -2.35 2.90 2.47
N TYR A 111 -2.99 1.89 3.04
CA TYR A 111 -4.07 1.19 2.36
C TYR A 111 -5.40 1.57 2.99
N PHE A 112 -6.04 2.57 2.39
CA PHE A 112 -7.33 3.06 2.85
C PHE A 112 -8.43 2.11 2.38
N VAL A 113 -8.62 1.03 3.13
CA VAL A 113 -9.49 -0.07 2.71
C VAL A 113 -10.96 0.30 2.49
N THR A 114 -11.51 1.19 3.30
CA THR A 114 -12.86 1.70 3.06
C THR A 114 -12.94 2.49 1.76
N GLN A 115 -11.86 3.19 1.44
CA GLN A 115 -11.84 4.09 0.27
C GLN A 115 -11.41 3.41 -1.02
N ASN A 116 -10.89 2.18 -0.92
CA ASN A 116 -10.18 1.53 -2.02
C ASN A 116 -9.06 2.41 -2.56
N ARG A 117 -8.18 2.86 -1.67
CA ARG A 117 -7.10 3.75 -2.06
C ARG A 117 -5.77 3.38 -1.39
N VAL A 118 -4.74 3.27 -2.22
CA VAL A 118 -3.40 2.96 -1.72
C VAL A 118 -2.44 4.09 -2.06
N VAL A 119 -2.01 4.84 -1.05
CA VAL A 119 -1.07 5.94 -1.29
C VAL A 119 0.36 5.60 -0.90
N LEU A 120 1.25 5.70 -1.87
CA LEU A 120 2.67 5.43 -1.70
C LEU A 120 3.41 6.76 -1.62
N ILE A 121 4.18 6.95 -0.55
CA ILE A 121 4.94 8.18 -0.37
C ILE A 121 6.39 7.74 -0.46
N ASP A 122 7.26 8.71 -0.74
CA ASP A 122 8.74 8.63 -0.65
C ASP A 122 9.57 7.54 -1.33
N GLN A 123 9.82 7.73 -2.62
CA GLN A 123 10.28 6.72 -3.56
C GLN A 123 9.16 5.82 -4.15
N ALA A 124 7.99 6.41 -4.34
CA ALA A 124 6.83 5.69 -4.84
C ALA A 124 7.08 5.05 -6.21
N LYS A 125 6.97 3.72 -6.25
CA LYS A 125 7.12 2.99 -7.51
C LYS A 125 5.89 2.11 -7.73
N VAL A 126 5.57 1.85 -8.98
CA VAL A 126 4.47 0.95 -9.34
C VAL A 126 4.83 0.18 -10.60
N ILE A 127 4.82 -1.15 -10.52
CA ILE A 127 5.07 -1.96 -11.70
C ILE A 127 3.81 -2.68 -12.15
N GLN A 128 3.24 -2.21 -13.27
CA GLN A 128 2.10 -2.88 -13.88
C GLN A 128 2.39 -3.32 -15.33
N GLU A 129 2.51 -4.63 -15.51
CA GLU A 129 2.67 -5.24 -16.83
C GLU A 129 3.82 -4.64 -17.63
N GLY A 130 5.02 -4.64 -17.05
CA GLY A 130 6.20 -4.13 -17.71
C GLY A 130 6.32 -2.62 -17.62
N ASN A 131 5.18 -1.95 -17.45
CA ASN A 131 5.16 -0.50 -17.31
C ASN A 131 5.58 -0.04 -15.91
N THR A 132 6.71 0.66 -15.83
CA THR A 132 7.21 1.12 -14.54
C THR A 132 6.92 2.60 -14.29
N PHE A 133 6.45 2.88 -13.08
CA PHE A 133 6.00 4.21 -12.66
C PHE A 133 6.83 4.63 -11.46
N GLU A 134 7.34 5.85 -11.47
CA GLU A 134 8.10 6.36 -10.32
C GLU A 134 7.75 7.80 -10.01
N GLY A 135 7.68 8.13 -8.73
CA GLY A 135 7.28 9.47 -8.30
C GLY A 135 7.47 9.71 -6.82
N GLU A 136 7.30 10.96 -6.41
CA GLU A 136 7.38 11.33 -5.00
C GLU A 136 6.17 10.75 -4.27
N LYS A 137 5.04 10.70 -4.96
CA LYS A 137 3.81 10.21 -4.37
C LYS A 137 2.86 9.61 -5.40
N ILE A 138 2.42 8.38 -5.15
CA ILE A 138 1.52 7.69 -6.08
C ILE A 138 0.25 7.20 -5.40
N VAL A 139 -0.89 7.68 -5.88
CA VAL A 139 -2.17 7.25 -5.33
C VAL A 139 -2.82 6.22 -6.26
N TYR A 140 -3.30 5.11 -5.68
CA TYR A 140 -3.81 4.01 -6.48
C TYR A 140 -5.22 3.57 -6.07
N ASP A 141 -6.19 3.88 -6.92
CA ASP A 141 -7.55 3.36 -6.76
C ASP A 141 -7.54 1.90 -7.20
N THR A 142 -7.88 1.01 -6.28
CA THR A 142 -7.88 -0.42 -6.58
C THR A 142 -9.15 -0.86 -7.30
N GLN A 143 -10.18 0.00 -7.27
CA GLN A 143 -11.45 -0.31 -7.90
C GLN A 143 -11.48 0.21 -9.33
N ARG A 144 -11.34 1.51 -9.49
CA ARG A 144 -11.32 2.14 -10.80
C ARG A 144 -10.01 1.81 -11.52
N GLN A 145 -9.05 1.28 -10.78
CA GLN A 145 -7.71 0.98 -11.29
C GLN A 145 -7.05 2.23 -11.88
N ILE A 146 -7.21 3.36 -11.21
CA ILE A 146 -6.62 4.62 -11.63
C ILE A 146 -5.36 4.93 -10.83
N VAL A 147 -4.26 5.20 -11.54
CA VAL A 147 -3.00 5.51 -10.88
C VAL A 147 -2.61 6.99 -11.09
N ASN A 148 -2.59 7.73 -9.99
CA ASN A 148 -2.10 9.09 -9.96
C ASN A 148 -0.65 9.13 -9.51
N ALA A 149 0.13 9.99 -10.15
CA ALA A 149 1.53 10.18 -9.76
C ALA A 149 1.85 11.66 -9.71
N GLY A 150 2.56 12.08 -8.67
CA GLY A 150 2.87 13.48 -8.50
C GLY A 150 3.76 13.72 -7.30
N ARG A 151 3.76 14.94 -6.80
CA ARG A 151 4.59 15.30 -5.66
C ARG A 151 3.84 15.08 -4.35
N ALA A 152 4.60 14.89 -3.28
CA ALA A 152 4.02 14.72 -1.96
C ALA A 152 3.76 16.07 -1.32
N THR A 153 2.57 16.62 -1.52
CA THR A 153 2.22 17.91 -0.95
C THR A 153 2.01 17.84 0.56
N GLY A 154 3.02 18.25 1.32
CA GLY A 154 2.93 18.31 2.75
C GLY A 154 3.24 16.99 3.42
N SER A 155 4.21 16.26 2.87
CA SER A 155 4.68 15.03 3.51
C SER A 155 6.19 15.06 3.74
N GLN A 156 6.84 16.11 3.24
CA GLN A 156 8.27 16.35 3.47
C GLN A 156 9.22 15.17 3.25
N VAL A 157 9.20 14.64 2.02
CA VAL A 157 9.90 13.41 1.66
C VAL A 157 11.39 13.44 1.95
N THR A 158 11.97 12.26 2.17
CA THR A 158 13.40 12.16 2.43
C THR A 158 14.16 12.11 1.11
N SER A 159 13.47 11.67 0.06
CA SER A 159 14.06 11.64 -1.28
C SER A 159 13.26 12.51 -2.24
N PRO A 160 13.60 13.82 -2.29
CA PRO A 160 12.90 14.76 -3.18
C PRO A 160 12.97 14.37 -4.64
N ARG A 161 11.82 14.39 -5.30
CA ARG A 161 11.73 14.03 -6.72
C ARG A 161 10.61 14.83 -7.39
N PRO A 162 10.92 16.08 -7.75
CA PRO A 162 9.93 17.04 -8.30
C PRO A 162 9.34 16.63 -9.63
N ARG A 163 9.98 15.68 -10.31
CA ARG A 163 9.50 15.18 -11.59
C ARG A 163 9.32 13.65 -11.52
N ILE A 164 8.25 13.16 -12.13
CA ILE A 164 7.99 11.72 -12.16
C ILE A 164 8.57 11.06 -13.42
N ASP A 165 8.81 9.76 -13.34
CA ASP A 165 9.29 9.01 -14.49
C ASP A 165 8.31 7.91 -14.87
N MET A 166 8.22 7.62 -16.16
CA MET A 166 7.30 6.62 -16.68
C MET A 166 7.96 5.83 -17.79
N VAL A 167 7.84 4.50 -17.75
CA VAL A 167 8.28 3.68 -18.88
C VAL A 167 7.22 2.67 -19.29
N ILE A 168 6.90 2.69 -20.59
CA ILE A 168 6.03 1.69 -21.19
C ILE A 168 6.90 0.75 -22.00
N GLN A 169 6.96 -0.51 -21.58
CA GLN A 169 7.77 -1.51 -22.26
C GLN A 169 6.98 -2.14 -23.41
N PRO A 170 7.58 -2.23 -24.60
CA PRO A 170 6.94 -2.75 -25.81
C PRO A 170 6.60 -4.24 -25.68
#